data_2BGQ
#
_entry.id   2BGQ
#
_cell.length_a   46.518
_cell.length_b   69.180
_cell.length_c   50.468
_cell.angle_alpha   90.00
_cell.angle_beta   95.99
_cell.angle_gamma   90.00
#
_symmetry.space_group_name_H-M   'P 1 21 1'
#
loop_
_entity.id
_entity.type
_entity.pdbx_description
1 polymer 'ALDOSE REDUCTASE'
2 non-polymer 'SULFATE ION'
3 water water
#
_entity_poly.entity_id   1
_entity_poly.type   'polypeptide(L)'
_entity_poly.pdbx_seq_one_letter_code
;MGHHHHHHHHHSSGHIDDDDKHMLEASAKATMGQGEQDHFVLKSGHAMPAVGLGTWRAGSDTAHSVRTAITEAGYRHVDT
AAEYGVEKEVGKGLKAAMEAGIDRKDLFVTSKIWCTNLAPERVRPALENTLKDLQLDYIDLYHIHWPFRLKDGAHMPPEA
GEVLEFDMEGVWKEMENLVKDGLVKDIGVCNYTVTKLNRLLRSAKIPPAVCQMEMHPGWKNDKIFEACKKHGIHITAYSP
LGSSEKNLAHDPVVEKVANKLNKTPGQVLIKWALQRGTSVIPKSSKDERIKENIQVFGWEIPEEDFKVLCSIKDEKRVLT
GEELFVNKTHGPYRSARDVWDHEN
;
_entity_poly.pdbx_strand_id   A
#
# COMPACT_ATOMS: atom_id res chain seq x y z
N GLY A 33 6.42 -17.81 -7.22
CA GLY A 33 5.70 -18.71 -6.27
C GLY A 33 6.54 -18.96 -5.03
N GLN A 34 7.83 -19.13 -5.27
CA GLN A 34 8.79 -19.35 -4.19
C GLN A 34 9.26 -17.98 -3.72
N GLY A 35 8.41 -16.99 -3.95
CA GLY A 35 8.73 -15.63 -3.56
C GLY A 35 10.01 -15.14 -4.20
N GLU A 36 10.29 -15.64 -5.41
CA GLU A 36 11.50 -15.27 -6.12
C GLU A 36 11.29 -14.29 -7.28
N GLN A 37 10.06 -13.86 -7.49
CA GLN A 37 9.76 -12.91 -8.55
C GLN A 37 10.08 -11.52 -8.01
N ASP A 38 10.96 -10.79 -8.70
CA ASP A 38 11.35 -9.45 -8.24
C ASP A 38 10.44 -8.31 -8.68
N HIS A 39 9.42 -8.65 -9.46
CA HIS A 39 8.45 -7.66 -9.92
C HIS A 39 7.17 -8.34 -10.37
N PHE A 40 6.12 -7.55 -10.54
CA PHE A 40 4.83 -8.06 -10.98
C PHE A 40 4.35 -7.23 -12.16
N VAL A 41 3.71 -7.88 -13.13
CA VAL A 41 3.20 -7.20 -14.31
C VAL A 41 1.72 -6.89 -14.08
N LEU A 42 1.39 -5.61 -14.08
CA LEU A 42 0.01 -5.21 -13.84
C LEU A 42 -0.88 -5.48 -15.02
N LYS A 43 -2.19 -5.39 -14.80
CA LYS A 43 -3.17 -5.65 -15.84
C LYS A 43 -2.93 -4.79 -17.08
N SER A 44 -2.32 -3.63 -16.89
CA SER A 44 -2.01 -2.73 -17.99
C SER A 44 -0.74 -3.20 -18.68
N GLY A 45 -0.01 -4.09 -18.02
CA GLY A 45 1.22 -4.60 -18.59
C GLY A 45 2.45 -4.00 -17.95
N HIS A 46 2.29 -2.87 -17.27
CA HIS A 46 3.40 -2.21 -16.62
C HIS A 46 3.98 -3.05 -15.50
N ALA A 47 5.30 -3.07 -15.42
CA ALA A 47 6.02 -3.83 -14.41
C ALA A 47 6.15 -3.05 -13.12
N MET A 48 5.80 -3.68 -12.01
CA MET A 48 5.90 -3.03 -10.71
C MET A 48 6.83 -3.84 -9.81
N PRO A 49 7.87 -3.19 -9.29
CA PRO A 49 8.82 -3.87 -8.41
C PRO A 49 8.12 -4.50 -7.20
N ALA A 50 8.47 -5.77 -6.93
CA ALA A 50 7.91 -6.53 -5.83
C ALA A 50 8.09 -5.86 -4.47
N VAL A 51 9.26 -5.29 -4.24
CA VAL A 51 9.54 -4.61 -2.98
C VAL A 51 9.67 -3.10 -3.17
N GLY A 52 8.94 -2.35 -2.35
CA GLY A 52 8.97 -0.91 -2.43
C GLY A 52 9.25 -0.27 -1.08
N LEU A 53 9.89 0.89 -1.11
CA LEU A 53 10.20 1.61 0.11
C LEU A 53 8.96 2.34 0.62
N GLY A 54 8.49 1.98 1.81
CA GLY A 54 7.33 2.66 2.36
C GLY A 54 7.78 3.96 2.99
N THR A 55 6.98 5.02 2.90
CA THR A 55 7.36 6.29 3.49
C THR A 55 6.46 6.72 4.64
N TRP A 56 5.49 5.88 5.00
CA TRP A 56 4.56 6.16 6.09
C TRP A 56 5.26 6.88 7.25
N ASP A 61 13.79 12.08 8.04
CA ASP A 61 14.81 12.30 7.02
C ASP A 61 14.44 11.50 5.77
N THR A 62 13.27 11.79 5.21
CA THR A 62 12.76 11.09 4.05
C THR A 62 13.58 11.24 2.77
N ALA A 63 14.08 12.43 2.50
CA ALA A 63 14.88 12.66 1.29
C ALA A 63 16.07 11.70 1.26
N HIS A 64 16.89 11.76 2.30
CA HIS A 64 18.08 10.91 2.43
C HIS A 64 17.70 9.45 2.28
N SER A 65 16.73 9.03 3.10
CA SER A 65 16.27 7.66 3.07
C SER A 65 15.93 7.20 1.65
N VAL A 66 15.09 7.97 0.94
CA VAL A 66 14.70 7.63 -0.42
C VAL A 66 15.90 7.56 -1.35
N ARG A 67 16.71 8.61 -1.34
CA ARG A 67 17.90 8.69 -2.18
C ARG A 67 18.79 7.46 -1.94
N THR A 68 19.06 7.18 -0.66
CA THR A 68 19.92 6.06 -0.28
C THR A 68 19.33 4.68 -0.58
N ALA A 69 18.04 4.52 -0.34
CA ALA A 69 17.38 3.24 -0.59
C ALA A 69 17.49 2.89 -2.09
N ILE A 70 17.50 3.92 -2.94
CA ILE A 70 17.58 3.68 -4.36
C ILE A 70 19.00 3.49 -4.88
N THR A 71 19.91 4.37 -4.45
CA THR A 71 21.31 4.32 -4.89
C THR A 71 22.19 3.29 -4.19
N GLU A 72 21.82 2.88 -2.98
CA GLU A 72 22.65 1.91 -2.28
C GLU A 72 21.95 0.59 -2.02
N ALA A 73 20.66 0.65 -1.69
CA ALA A 73 19.92 -0.57 -1.42
C ALA A 73 19.42 -1.23 -2.68
N GLY A 74 19.32 -0.46 -3.77
CA GLY A 74 18.86 -1.00 -5.03
C GLY A 74 17.35 -0.87 -5.23
N TYR A 75 16.69 -0.07 -4.39
CA TYR A 75 15.25 0.11 -4.52
C TYR A 75 14.86 0.80 -5.82
N ARG A 76 13.69 0.44 -6.34
CA ARG A 76 13.19 1.04 -7.57
C ARG A 76 11.69 1.31 -7.44
N HIS A 77 11.15 1.02 -6.27
CA HIS A 77 9.74 1.21 -5.99
C HIS A 77 9.62 1.99 -4.70
N VAL A 78 8.99 3.16 -4.76
CA VAL A 78 8.81 3.97 -3.57
C VAL A 78 7.33 4.21 -3.38
N ASP A 79 6.83 3.84 -2.21
CA ASP A 79 5.42 4.03 -1.90
C ASP A 79 5.25 5.22 -0.95
N THR A 80 4.34 6.12 -1.27
CA THR A 80 4.11 7.29 -0.43
C THR A 80 2.64 7.71 -0.46
N ALA A 81 2.35 8.84 0.16
CA ALA A 81 0.97 9.32 0.19
C ALA A 81 0.96 10.79 0.59
N ALA A 82 0.04 11.53 -0.03
CA ALA A 82 -0.11 12.94 0.24
C ALA A 82 -0.44 13.18 1.71
N GLU A 83 -1.25 12.30 2.28
CA GLU A 83 -1.67 12.41 3.66
C GLU A 83 -0.51 12.43 4.66
N TYR A 84 0.55 11.67 4.37
CA TYR A 84 1.69 11.62 5.28
C TYR A 84 2.34 12.99 5.41
N GLY A 85 2.30 13.76 4.33
CA GLY A 85 2.89 15.08 4.33
C GLY A 85 4.40 15.05 4.09
N VAL A 86 4.89 14.02 3.41
CA VAL A 86 6.32 13.90 3.14
C VAL A 86 6.64 13.80 1.65
N GLU A 87 5.64 13.97 0.79
CA GLU A 87 5.88 13.89 -0.64
C GLU A 87 6.96 14.84 -1.12
N LYS A 88 6.94 16.06 -0.58
CA LYS A 88 7.93 17.07 -0.93
C LYS A 88 9.33 16.49 -0.71
N GLU A 89 9.52 15.87 0.45
CA GLU A 89 10.80 15.24 0.76
C GLU A 89 11.08 14.06 -0.16
N VAL A 90 10.06 13.26 -0.43
CA VAL A 90 10.23 12.11 -1.32
C VAL A 90 10.67 12.62 -2.69
N GLY A 91 10.05 13.71 -3.13
CA GLY A 91 10.40 14.29 -4.42
C GLY A 91 11.88 14.66 -4.45
N LYS A 92 12.35 15.27 -3.36
CA LYS A 92 13.76 15.65 -3.25
C LYS A 92 14.64 14.42 -3.31
N GLY A 93 14.21 13.37 -2.61
CA GLY A 93 14.97 12.13 -2.61
C GLY A 93 14.99 11.53 -4.00
N LEU A 94 13.87 11.62 -4.72
CA LEU A 94 13.76 11.09 -6.07
C LEU A 94 14.61 11.87 -7.08
N LYS A 95 14.61 13.19 -6.95
CA LYS A 95 15.38 14.03 -7.85
C LYS A 95 16.86 13.72 -7.75
N ALA A 96 17.36 13.62 -6.52
CA ALA A 96 18.77 13.33 -6.29
C ALA A 96 19.16 11.99 -6.91
N ALA A 97 18.34 10.97 -6.71
CA ALA A 97 18.65 9.64 -7.24
C ALA A 97 18.66 9.64 -8.78
N MET A 98 17.77 10.45 -9.38
CA MET A 98 17.73 10.54 -10.84
C MET A 98 18.92 11.33 -11.35
N GLU A 99 19.23 12.44 -10.70
CA GLU A 99 20.36 13.25 -11.11
C GLU A 99 21.63 12.42 -10.93
N ALA A 100 21.53 11.34 -10.16
CA ALA A 100 22.64 10.44 -9.88
C ALA A 100 22.75 9.30 -10.91
N GLY A 101 21.93 9.35 -11.96
CA GLY A 101 22.01 8.33 -12.98
C GLY A 101 20.84 7.36 -13.11
N ILE A 102 19.94 7.35 -12.14
CA ILE A 102 18.79 6.46 -12.20
C ILE A 102 17.71 7.02 -13.12
N ASP A 103 17.34 6.26 -14.15
CA ASP A 103 16.31 6.71 -15.09
C ASP A 103 14.92 6.70 -14.49
N ARG A 104 14.15 7.74 -14.81
CA ARG A 104 12.79 7.86 -14.33
C ARG A 104 12.00 6.59 -14.66
N LYS A 105 12.12 6.13 -15.90
CA LYS A 105 11.41 4.94 -16.35
C LYS A 105 11.77 3.69 -15.56
N ASP A 106 12.89 3.73 -14.85
CA ASP A 106 13.30 2.58 -14.06
C ASP A 106 12.78 2.65 -12.63
N LEU A 107 12.11 3.76 -12.32
CA LEU A 107 11.56 3.93 -10.98
C LEU A 107 10.04 3.73 -11.00
N PHE A 108 9.53 3.19 -9.90
CA PHE A 108 8.09 2.98 -9.77
C PHE A 108 7.68 3.82 -8.57
N VAL A 109 6.91 4.86 -8.81
CA VAL A 109 6.46 5.73 -7.73
C VAL A 109 4.96 5.62 -7.53
N THR A 110 4.56 5.50 -6.27
CA THR A 110 3.15 5.39 -5.93
C THR A 110 2.72 6.47 -4.95
N SER A 111 1.49 6.95 -5.12
CA SER A 111 0.96 7.93 -4.21
C SER A 111 -0.51 7.63 -3.98
N LYS A 112 -1.12 8.33 -3.03
CA LYS A 112 -2.52 8.11 -2.71
C LYS A 112 -3.24 9.42 -2.50
N ILE A 113 -4.50 9.47 -2.93
CA ILE A 113 -5.30 10.67 -2.75
C ILE A 113 -5.98 10.49 -1.40
N TRP A 114 -5.90 11.51 -0.55
CA TRP A 114 -6.50 11.42 0.78
C TRP A 114 -8.00 11.71 0.82
N CYS A 115 -8.64 11.14 1.84
CA CYS A 115 -10.07 11.25 2.11
C CYS A 115 -10.75 12.59 1.88
N THR A 116 -10.10 13.69 2.26
CA THR A 116 -10.71 15.00 2.09
C THR A 116 -10.85 15.41 0.63
N ASN A 117 -10.14 14.71 -0.25
CA ASN A 117 -10.20 15.04 -1.67
C ASN A 117 -10.95 13.97 -2.46
N LEU A 118 -11.68 13.11 -1.75
CA LEU A 118 -12.44 12.08 -2.43
C LEU A 118 -13.79 12.62 -2.87
N ALA A 119 -13.73 13.52 -3.84
CA ALA A 119 -14.90 14.14 -4.47
C ALA A 119 -14.43 14.35 -5.91
N PRO A 120 -15.28 14.05 -6.90
CA PRO A 120 -14.91 14.20 -8.31
C PRO A 120 -14.09 15.44 -8.70
N GLU A 121 -14.54 16.62 -8.28
CA GLU A 121 -13.85 17.85 -8.63
C GLU A 121 -12.52 18.10 -7.91
N ARG A 122 -12.21 17.27 -6.92
CA ARG A 122 -10.98 17.43 -6.16
C ARG A 122 -9.92 16.38 -6.48
N VAL A 123 -10.22 15.50 -7.44
CA VAL A 123 -9.27 14.47 -7.81
C VAL A 123 -8.11 15.02 -8.63
N ARG A 124 -8.42 15.76 -9.69
CA ARG A 124 -7.40 16.33 -10.56
C ARG A 124 -6.45 17.25 -9.79
N PRO A 125 -6.98 18.24 -9.05
CA PRO A 125 -6.14 19.17 -8.29
C PRO A 125 -5.25 18.47 -7.25
N ALA A 126 -5.74 17.36 -6.71
CA ALA A 126 -4.99 16.62 -5.69
C ALA A 126 -3.78 15.92 -6.28
N LEU A 127 -3.98 15.34 -7.46
CA LEU A 127 -2.92 14.62 -8.15
C LEU A 127 -1.88 15.60 -8.68
N GLU A 128 -2.33 16.72 -9.22
CA GLU A 128 -1.42 17.71 -9.73
C GLU A 128 -0.55 18.25 -8.60
N ASN A 129 -1.14 18.40 -7.42
CA ASN A 129 -0.39 18.89 -6.28
C ASN A 129 0.63 17.83 -5.89
N THR A 130 0.24 16.57 -6.04
CA THR A 130 1.12 15.44 -5.75
C THR A 130 2.30 15.47 -6.71
N LEU A 131 2.03 15.66 -8.00
CA LEU A 131 3.09 15.70 -9.02
C LEU A 131 4.07 16.86 -8.77
N LYS A 132 3.54 17.98 -8.29
CA LYS A 132 4.36 19.15 -8.01
C LYS A 132 5.30 18.88 -6.84
N ASP A 133 4.77 18.34 -5.75
CA ASP A 133 5.58 18.05 -4.59
C ASP A 133 6.63 16.97 -4.88
N LEU A 134 6.26 15.99 -5.69
CA LEU A 134 7.17 14.92 -6.04
C LEU A 134 8.09 15.34 -7.19
N GLN A 135 7.79 16.49 -7.79
CA GLN A 135 8.56 17.02 -8.91
C GLN A 135 8.61 16.03 -10.07
N LEU A 136 7.46 15.45 -10.41
CA LEU A 136 7.40 14.48 -11.50
C LEU A 136 6.32 14.93 -12.49
N ASP A 137 6.39 14.41 -13.71
CA ASP A 137 5.39 14.76 -14.70
C ASP A 137 4.38 13.61 -14.81
N TYR A 138 4.55 12.61 -13.95
CA TYR A 138 3.64 11.47 -13.88
C TYR A 138 4.02 10.52 -12.75
N ILE A 139 3.05 9.73 -12.29
CA ILE A 139 3.34 8.73 -11.27
C ILE A 139 2.90 7.40 -11.89
N ASP A 140 3.41 6.32 -11.31
CA ASP A 140 3.11 4.99 -11.83
C ASP A 140 1.84 4.40 -11.26
N LEU A 141 1.65 4.60 -9.95
CA LEU A 141 0.46 4.06 -9.31
C LEU A 141 -0.14 5.12 -8.37
N TYR A 142 -1.46 5.26 -8.44
CA TYR A 142 -2.19 6.22 -7.61
C TYR A 142 -3.38 5.49 -6.98
N HIS A 143 -3.37 5.35 -5.65
CA HIS A 143 -4.43 4.65 -4.92
C HIS A 143 -5.42 5.58 -4.26
N ILE A 144 -6.57 5.01 -3.91
CA ILE A 144 -7.60 5.69 -3.15
C ILE A 144 -7.12 5.25 -1.78
N HIS A 145 -6.68 6.18 -0.96
CA HIS A 145 -6.14 5.86 0.37
C HIS A 145 -7.12 5.06 1.25
N TRP A 146 -8.34 5.58 1.38
CA TRP A 146 -9.39 4.94 2.15
C TRP A 146 -10.71 5.19 1.42
N PRO A 147 -11.64 4.22 1.45
CA PRO A 147 -12.89 4.44 0.74
C PRO A 147 -13.93 5.22 1.53
N PHE A 148 -13.52 6.36 2.09
CA PHE A 148 -14.42 7.21 2.85
C PHE A 148 -14.08 8.67 2.64
N ARG A 149 -15.10 9.52 2.58
CA ARG A 149 -14.87 10.93 2.43
C ARG A 149 -14.87 11.58 3.79
N LEU A 150 -13.98 12.56 3.97
CA LEU A 150 -13.91 13.28 5.23
C LEU A 150 -14.02 14.76 4.93
N LYS A 151 -14.58 15.49 5.89
CA LYS A 151 -14.77 16.93 5.77
C LYS A 151 -13.40 17.56 6.01
N ASP A 152 -13.14 18.71 5.41
CA ASP A 152 -11.87 19.36 5.64
C ASP A 152 -11.77 19.72 7.11
N GLY A 153 -10.62 19.42 7.70
CA GLY A 153 -10.43 19.72 9.11
C GLY A 153 -11.14 18.76 10.06
N ALA A 154 -11.25 17.49 9.69
CA ALA A 154 -11.92 16.50 10.54
C ALA A 154 -11.01 15.98 11.65
N HIS A 155 -11.60 15.47 12.72
CA HIS A 155 -10.85 14.95 13.87
C HIS A 155 -10.76 13.43 13.90
N MET A 156 -9.92 12.91 14.81
CA MET A 156 -9.71 11.48 14.99
C MET A 156 -9.88 11.10 16.46
N PRO A 157 -10.97 10.40 16.81
CA PRO A 157 -12.06 9.93 15.94
C PRO A 157 -12.86 11.07 15.31
N PRO A 158 -13.63 10.77 14.25
CA PRO A 158 -14.44 11.77 13.56
C PRO A 158 -15.69 12.15 14.33
N GLU A 159 -15.96 13.45 14.39
CA GLU A 159 -17.15 13.92 15.07
C GLU A 159 -18.31 13.71 14.12
N ALA A 160 -19.52 13.94 14.60
CA ALA A 160 -20.70 13.77 13.76
C ALA A 160 -20.70 14.83 12.65
N GLY A 161 -20.91 14.38 11.42
CA GLY A 161 -20.93 15.31 10.30
C GLY A 161 -19.60 15.47 9.60
N GLU A 162 -18.61 14.66 9.98
CA GLU A 162 -17.29 14.76 9.36
C GLU A 162 -17.00 13.69 8.32
N VAL A 163 -17.64 12.52 8.46
CA VAL A 163 -17.46 11.44 7.51
C VAL A 163 -18.57 11.58 6.48
N LEU A 164 -18.26 12.24 5.37
CA LEU A 164 -19.23 12.50 4.31
C LEU A 164 -19.53 11.32 3.38
N GLU A 165 -20.52 11.51 2.51
CA GLU A 165 -20.90 10.49 1.54
C GLU A 165 -19.81 10.39 0.49
N PHE A 166 -19.54 9.17 0.03
CA PHE A 166 -18.49 8.98 -0.95
C PHE A 166 -18.98 8.52 -2.32
N ASP A 167 -18.90 9.44 -3.28
CA ASP A 167 -19.30 9.17 -4.66
C ASP A 167 -18.17 8.36 -5.28
N MET A 168 -18.05 7.10 -4.86
CA MET A 168 -16.99 6.24 -5.35
C MET A 168 -16.92 6.22 -6.87
N GLU A 169 -18.08 6.14 -7.52
CA GLU A 169 -18.11 6.11 -8.97
C GLU A 169 -17.62 7.40 -9.62
N GLY A 170 -18.06 8.53 -9.10
CA GLY A 170 -17.64 9.82 -9.64
C GLY A 170 -16.16 10.06 -9.43
N VAL A 171 -15.64 9.63 -8.29
CA VAL A 171 -14.23 9.81 -8.00
C VAL A 171 -13.37 8.90 -8.86
N TRP A 172 -13.77 7.64 -8.99
CA TRP A 172 -13.02 6.69 -9.79
C TRP A 172 -12.99 7.13 -11.26
N LYS A 173 -14.11 7.63 -11.75
CA LYS A 173 -14.19 8.11 -13.12
C LYS A 173 -13.04 9.10 -13.33
N GLU A 174 -12.89 10.02 -12.38
CA GLU A 174 -11.84 11.03 -12.45
C GLU A 174 -10.45 10.39 -12.32
N MET A 175 -10.37 9.27 -11.61
CA MET A 175 -9.10 8.57 -11.45
C MET A 175 -8.75 7.99 -12.82
N GLU A 176 -9.74 7.43 -13.50
CA GLU A 176 -9.54 6.84 -14.82
C GLU A 176 -9.08 7.87 -15.82
N ASN A 177 -9.54 9.12 -15.63
CA ASN A 177 -9.15 10.19 -16.52
C ASN A 177 -7.68 10.53 -16.33
N LEU A 178 -7.15 10.25 -15.14
CA LEU A 178 -5.75 10.52 -14.87
C LEU A 178 -4.95 9.54 -15.70
N VAL A 179 -5.45 8.31 -15.81
CA VAL A 179 -4.76 7.30 -16.60
C VAL A 179 -4.79 7.69 -18.07
N LYS A 180 -5.98 8.03 -18.57
CA LYS A 180 -6.14 8.44 -19.96
C LYS A 180 -5.27 9.63 -20.35
N ASP A 181 -5.12 10.60 -19.45
CA ASP A 181 -4.30 11.77 -19.72
C ASP A 181 -2.80 11.49 -19.57
N GLY A 182 -2.46 10.25 -19.26
CA GLY A 182 -1.07 9.88 -19.11
C GLY A 182 -0.31 10.41 -17.90
N LEU A 183 -1.03 10.91 -16.89
CA LEU A 183 -0.39 11.44 -15.69
C LEU A 183 -0.20 10.34 -14.65
N VAL A 184 -1.00 9.29 -14.79
CA VAL A 184 -0.94 8.15 -13.89
C VAL A 184 -0.95 6.89 -14.76
N LYS A 185 0.02 6.02 -14.55
CA LYS A 185 0.12 4.78 -15.33
C LYS A 185 -0.93 3.77 -14.88
N ASP A 186 -1.13 3.66 -13.57
CA ASP A 186 -2.09 2.74 -13.00
C ASP A 186 -2.77 3.31 -11.76
N ILE A 187 -4.06 3.05 -11.63
CA ILE A 187 -4.81 3.49 -10.47
C ILE A 187 -5.20 2.28 -9.65
N GLY A 188 -5.34 2.45 -8.34
CA GLY A 188 -5.70 1.34 -7.48
C GLY A 188 -6.39 1.78 -6.21
N VAL A 189 -6.54 0.86 -5.26
CA VAL A 189 -7.18 1.18 -4.00
C VAL A 189 -6.52 0.51 -2.81
N CYS A 190 -6.68 1.11 -1.64
CA CYS A 190 -6.16 0.58 -0.40
C CYS A 190 -7.34 0.41 0.51
N ASN A 191 -7.16 -0.38 1.56
CA ASN A 191 -8.18 -0.59 2.56
C ASN A 191 -9.60 -0.75 2.04
N TYR A 192 -9.80 -1.73 1.18
CA TYR A 192 -11.12 -2.01 0.62
C TYR A 192 -11.68 -3.30 1.19
N THR A 193 -12.94 -3.55 0.87
CA THR A 193 -13.62 -4.76 1.27
C THR A 193 -14.16 -5.38 -0.02
N VAL A 194 -14.62 -6.62 0.05
CA VAL A 194 -15.16 -7.25 -1.14
C VAL A 194 -16.38 -6.46 -1.60
N THR A 195 -17.24 -6.09 -0.64
CA THR A 195 -18.44 -5.32 -0.93
C THR A 195 -18.10 -4.05 -1.72
N LYS A 196 -17.15 -3.27 -1.21
CA LYS A 196 -16.76 -2.03 -1.88
C LYS A 196 -16.07 -2.30 -3.20
N LEU A 197 -15.27 -3.36 -3.23
CA LEU A 197 -14.57 -3.74 -4.45
C LEU A 197 -15.58 -4.03 -5.54
N ASN A 198 -16.50 -4.95 -5.24
CA ASN A 198 -17.54 -5.32 -6.20
C ASN A 198 -18.28 -4.08 -6.69
N ARG A 199 -18.65 -3.18 -5.77
CA ARG A 199 -19.34 -1.96 -6.16
C ARG A 199 -18.47 -1.21 -7.17
N LEU A 200 -17.18 -1.10 -6.86
CA LEU A 200 -16.23 -0.41 -7.71
C LEU A 200 -16.18 -1.00 -9.11
N LEU A 201 -16.28 -2.32 -9.21
CA LEU A 201 -16.20 -2.98 -10.50
C LEU A 201 -17.47 -2.87 -11.34
N ARG A 202 -18.62 -2.76 -10.69
CA ARG A 202 -19.88 -2.66 -11.42
C ARG A 202 -19.99 -1.38 -12.23
N SER A 203 -18.92 -0.59 -12.26
CA SER A 203 -18.97 0.66 -13.01
C SER A 203 -17.62 1.09 -13.58
N ALA A 204 -16.56 0.43 -13.14
CA ALA A 204 -15.23 0.78 -13.60
C ALA A 204 -14.98 0.47 -15.07
N LYS A 205 -14.50 1.46 -15.81
CA LYS A 205 -14.17 1.26 -17.21
C LYS A 205 -12.73 0.76 -17.19
N ILE A 206 -12.01 1.16 -16.15
CA ILE A 206 -10.63 0.73 -15.96
C ILE A 206 -10.54 0.08 -14.58
N PRO A 207 -10.40 -1.25 -14.54
CA PRO A 207 -10.30 -1.98 -13.27
C PRO A 207 -9.10 -1.52 -12.46
N PRO A 208 -9.19 -1.56 -11.12
CA PRO A 208 -8.04 -1.13 -10.34
C PRO A 208 -6.95 -2.15 -10.58
N ALA A 209 -5.75 -1.68 -10.92
CA ALA A 209 -4.65 -2.58 -11.18
C ALA A 209 -4.09 -3.20 -9.90
N VAL A 210 -4.14 -2.43 -8.82
CA VAL A 210 -3.62 -2.90 -7.53
C VAL A 210 -4.53 -2.57 -6.36
N CYS A 211 -4.54 -3.47 -5.38
CA CYS A 211 -5.32 -3.32 -4.16
C CYS A 211 -4.29 -3.47 -3.03
N GLN A 212 -4.10 -2.39 -2.27
CA GLN A 212 -3.13 -2.38 -1.18
C GLN A 212 -3.80 -2.58 0.18
N MET A 213 -3.41 -3.63 0.88
CA MET A 213 -4.01 -3.97 2.17
C MET A 213 -3.00 -4.33 3.25
N GLU A 214 -3.42 -4.20 4.51
CA GLU A 214 -2.58 -4.57 5.62
C GLU A 214 -2.51 -6.09 5.59
N MET A 215 -1.30 -6.65 5.53
CA MET A 215 -1.17 -8.10 5.52
C MET A 215 0.07 -8.60 6.23
N HIS A 216 -0.10 -9.70 6.96
CA HIS A 216 0.97 -10.33 7.72
C HIS A 216 0.40 -11.54 8.47
N PRO A 217 1.28 -12.39 9.04
CA PRO A 217 0.78 -13.56 9.77
C PRO A 217 -0.38 -13.23 10.72
N GLY A 218 -0.34 -12.05 11.33
CA GLY A 218 -1.42 -11.70 12.24
C GLY A 218 -2.75 -11.48 11.52
N TRP A 219 -2.70 -10.83 10.37
CA TRP A 219 -3.90 -10.55 9.58
C TRP A 219 -3.59 -10.82 8.11
N LYS A 220 -4.13 -11.91 7.60
CA LYS A 220 -3.88 -12.30 6.22
C LYS A 220 -4.89 -11.74 5.22
N ASN A 221 -6.08 -11.42 5.70
CA ASN A 221 -7.15 -10.91 4.87
C ASN A 221 -7.32 -11.73 3.59
N ASP A 222 -7.45 -13.04 3.77
CA ASP A 222 -7.63 -13.96 2.64
C ASP A 222 -8.84 -13.55 1.78
N LYS A 223 -9.93 -13.21 2.45
CA LYS A 223 -11.16 -12.82 1.75
C LYS A 223 -10.94 -11.79 0.63
N ILE A 224 -10.48 -10.59 0.99
CA ILE A 224 -10.27 -9.57 -0.02
C ILE A 224 -9.19 -10.01 -1.01
N PHE A 225 -8.24 -10.82 -0.52
CA PHE A 225 -7.16 -11.33 -1.36
C PHE A 225 -7.76 -12.24 -2.43
N GLU A 226 -8.68 -13.10 -2.00
CA GLU A 226 -9.35 -14.02 -2.90
C GLU A 226 -10.17 -13.26 -3.91
N ALA A 227 -10.82 -12.20 -3.47
CA ALA A 227 -11.63 -11.39 -4.36
C ALA A 227 -10.72 -10.76 -5.42
N CYS A 228 -9.56 -10.28 -4.98
CA CYS A 228 -8.59 -9.67 -5.90
C CYS A 228 -8.09 -10.70 -6.89
N LYS A 229 -7.79 -11.90 -6.38
CA LYS A 229 -7.31 -13.00 -7.22
C LYS A 229 -8.24 -13.29 -8.40
N LYS A 230 -9.52 -13.52 -8.12
CA LYS A 230 -10.46 -13.83 -9.18
C LYS A 230 -10.55 -12.75 -10.25
N HIS A 231 -10.45 -11.49 -9.83
CA HIS A 231 -10.53 -10.37 -10.78
C HIS A 231 -9.19 -9.98 -11.39
N GLY A 232 -8.14 -10.73 -11.09
CA GLY A 232 -6.83 -10.41 -11.64
C GLY A 232 -6.20 -9.13 -11.12
N ILE A 233 -6.68 -8.67 -9.98
CA ILE A 233 -6.15 -7.45 -9.37
C ILE A 233 -4.94 -7.79 -8.51
N HIS A 234 -3.79 -7.20 -8.80
CA HIS A 234 -2.60 -7.49 -8.02
C HIS A 234 -2.76 -6.94 -6.59
N ILE A 235 -2.10 -7.59 -5.63
CA ILE A 235 -2.20 -7.17 -4.24
C ILE A 235 -0.88 -6.78 -3.59
N THR A 236 -0.88 -5.63 -2.93
CA THR A 236 0.30 -5.13 -2.22
C THR A 236 0.00 -5.19 -0.73
N ALA A 237 0.90 -5.81 0.02
CA ALA A 237 0.73 -5.91 1.45
C ALA A 237 1.51 -4.82 2.18
N TYR A 238 0.87 -4.16 3.14
CA TYR A 238 1.58 -3.14 3.89
C TYR A 238 1.61 -3.53 5.37
N SER A 239 2.50 -2.91 6.12
CA SER A 239 2.68 -3.22 7.53
C SER A 239 3.05 -4.70 7.69
N PRO A 240 4.08 -5.14 6.94
CA PRO A 240 4.58 -6.52 6.94
C PRO A 240 4.96 -7.06 8.32
N LEU A 241 5.46 -6.18 9.19
CA LEU A 241 5.87 -6.59 10.53
C LEU A 241 4.75 -6.47 11.56
N GLY A 242 3.54 -6.14 11.10
CA GLY A 242 2.41 -6.03 12.01
C GLY A 242 2.19 -4.62 12.57
N LYS A 246 1.64 -5.15 18.52
CA LYS A 246 1.45 -6.32 17.67
C LYS A 246 2.63 -6.46 16.69
N ASN A 247 3.85 -6.41 17.23
CA ASN A 247 5.04 -6.50 16.40
C ASN A 247 5.45 -7.96 16.16
N LEU A 248 5.20 -8.44 14.96
CA LEU A 248 5.53 -9.82 14.60
C LEU A 248 7.02 -10.07 14.64
N ALA A 249 7.82 -9.03 14.41
CA ALA A 249 9.26 -9.14 14.44
C ALA A 249 9.77 -9.57 15.82
N HIS A 250 8.90 -9.49 16.82
CA HIS A 250 9.27 -9.89 18.17
C HIS A 250 8.48 -11.11 18.63
N ASP A 251 7.67 -11.65 17.74
CA ASP A 251 6.89 -12.84 18.08
C ASP A 251 7.84 -14.03 17.99
N PRO A 252 8.00 -14.77 19.10
CA PRO A 252 8.90 -15.92 19.11
C PRO A 252 8.73 -16.89 17.93
N VAL A 253 7.49 -17.02 17.46
CA VAL A 253 7.21 -17.90 16.33
C VAL A 253 8.05 -17.46 15.14
N VAL A 254 8.02 -16.16 14.85
CA VAL A 254 8.77 -15.62 13.72
C VAL A 254 10.26 -15.71 13.99
N GLU A 255 10.65 -15.35 15.21
CA GLU A 255 12.05 -15.38 15.61
C GLU A 255 12.66 -16.76 15.43
N LYS A 256 11.94 -17.80 15.82
CA LYS A 256 12.46 -19.16 15.67
C LYS A 256 12.72 -19.50 14.21
N VAL A 257 11.83 -19.04 13.33
CA VAL A 257 11.98 -19.30 11.90
C VAL A 257 13.16 -18.48 11.38
N ALA A 258 13.32 -17.26 11.87
CA ALA A 258 14.41 -16.40 11.45
C ALA A 258 15.76 -16.96 11.90
N ASN A 259 15.80 -17.56 13.09
CA ASN A 259 17.05 -18.14 13.57
C ASN A 259 17.46 -19.33 12.71
N LYS A 260 16.49 -20.18 12.37
CA LYS A 260 16.76 -21.36 11.56
C LYS A 260 17.25 -20.98 10.17
N LEU A 261 16.61 -19.98 9.58
CA LEU A 261 16.97 -19.51 8.24
C LEU A 261 18.17 -18.58 8.32
N ASN A 262 18.47 -18.13 9.53
CA ASN A 262 19.56 -17.20 9.74
C ASN A 262 19.31 -15.90 8.96
N LYS A 263 18.11 -15.36 9.14
CA LYS A 263 17.71 -14.10 8.53
C LYS A 263 17.08 -13.32 9.66
N THR A 264 16.81 -12.04 9.44
CA THR A 264 16.17 -11.25 10.49
C THR A 264 14.67 -11.46 10.41
N PRO A 265 13.96 -11.29 11.53
CA PRO A 265 12.50 -11.47 11.57
C PRO A 265 11.83 -10.66 10.45
N GLY A 266 12.31 -9.43 10.25
CA GLY A 266 11.76 -8.59 9.21
C GLY A 266 11.90 -9.18 7.82
N GLN A 267 13.06 -9.74 7.51
CA GLN A 267 13.27 -10.36 6.19
C GLN A 267 12.35 -11.56 6.01
N VAL A 268 12.19 -12.36 7.06
CA VAL A 268 11.30 -13.52 7.00
C VAL A 268 9.89 -13.04 6.70
N LEU A 269 9.44 -12.05 7.48
CA LEU A 269 8.12 -11.48 7.34
C LEU A 269 7.88 -10.91 5.95
N ILE A 270 8.92 -10.33 5.36
CA ILE A 270 8.81 -9.74 4.04
C ILE A 270 8.84 -10.83 2.98
N LYS A 271 9.66 -11.85 3.21
CA LYS A 271 9.74 -12.96 2.28
C LYS A 271 8.43 -13.73 2.33
N TRP A 272 7.79 -13.72 3.49
CA TRP A 272 6.51 -14.41 3.65
C TRP A 272 5.50 -13.82 2.68
N ALA A 273 5.47 -12.49 2.63
CA ALA A 273 4.55 -11.78 1.74
C ALA A 273 4.81 -12.16 0.29
N LEU A 274 6.09 -12.16 -0.10
CA LEU A 274 6.49 -12.49 -1.46
C LEU A 274 6.08 -13.89 -1.86
N GLN A 275 6.33 -14.86 -0.97
CA GLN A 275 5.97 -16.25 -1.25
C GLN A 275 4.46 -16.41 -1.27
N ARG A 276 3.78 -15.39 -0.79
CA ARG A 276 2.33 -15.42 -0.74
C ARG A 276 1.85 -14.87 -2.09
N GLY A 277 2.77 -14.23 -2.81
CA GLY A 277 2.42 -13.69 -4.11
C GLY A 277 2.00 -12.24 -4.12
N THR A 278 2.44 -11.48 -3.13
CA THR A 278 2.06 -10.07 -3.12
C THR A 278 3.31 -9.23 -3.10
N SER A 279 3.18 -8.00 -3.58
CA SER A 279 4.31 -7.09 -3.53
C SER A 279 4.28 -6.69 -2.07
N VAL A 280 5.33 -6.07 -1.57
CA VAL A 280 5.36 -5.69 -0.17
C VAL A 280 6.09 -4.38 -0.02
N ILE A 281 5.58 -3.54 0.86
CA ILE A 281 6.19 -2.24 1.11
C ILE A 281 6.54 -2.09 2.58
N PRO A 282 7.74 -2.53 2.98
CA PRO A 282 8.16 -2.42 4.37
C PRO A 282 8.56 -1.01 4.81
N LYS A 283 8.05 -0.60 5.97
CA LYS A 283 8.33 0.72 6.52
C LYS A 283 9.52 0.66 7.47
N SER A 284 10.58 1.41 7.16
CA SER A 284 11.78 1.44 7.98
C SER A 284 12.46 2.81 7.81
N SER A 285 13.12 3.28 8.86
CA SER A 285 13.78 4.58 8.82
C SER A 285 15.30 4.47 8.89
N LYS A 286 15.80 3.25 9.05
CA LYS A 286 17.24 3.04 9.14
C LYS A 286 17.75 2.42 7.85
N ASP A 287 18.83 2.98 7.30
CA ASP A 287 19.40 2.50 6.05
C ASP A 287 19.76 1.03 6.10
N GLU A 288 20.23 0.56 7.25
CA GLU A 288 20.63 -0.82 7.43
C GLU A 288 19.42 -1.76 7.33
N ARG A 289 18.35 -1.44 8.04
CA ARG A 289 17.14 -2.27 7.98
C ARG A 289 16.60 -2.22 6.56
N ILE A 290 16.62 -1.03 5.98
CA ILE A 290 16.15 -0.82 4.61
C ILE A 290 16.96 -1.66 3.64
N LYS A 291 18.27 -1.72 3.86
CA LYS A 291 19.13 -2.50 2.99
C LYS A 291 18.79 -3.98 3.17
N GLU A 292 18.60 -4.40 4.41
CA GLU A 292 18.26 -5.78 4.74
C GLU A 292 16.93 -6.20 4.15
N ASN A 293 15.93 -5.33 4.27
CA ASN A 293 14.59 -5.62 3.80
C ASN A 293 14.48 -6.01 2.33
N ILE A 294 15.42 -5.60 1.51
CA ILE A 294 15.36 -5.95 0.09
C ILE A 294 16.28 -7.13 -0.23
N GLN A 295 17.07 -7.56 0.76
CA GLN A 295 17.96 -8.71 0.59
C GLN A 295 17.15 -9.98 0.85
N VAL A 296 16.06 -10.14 0.11
CA VAL A 296 15.17 -11.30 0.30
C VAL A 296 15.05 -12.23 -0.91
N PHE A 297 16.07 -12.24 -1.75
CA PHE A 297 16.08 -13.11 -2.91
C PHE A 297 17.27 -14.05 -2.80
N GLY A 298 17.17 -15.21 -3.45
CA GLY A 298 18.26 -16.17 -3.40
C GLY A 298 18.06 -17.21 -2.33
N TRP A 299 16.94 -17.10 -1.61
CA TRP A 299 16.61 -18.04 -0.56
C TRP A 299 15.10 -18.01 -0.39
N GLU A 300 14.58 -18.91 0.43
CA GLU A 300 13.14 -18.95 0.65
C GLU A 300 12.81 -19.59 1.99
N ILE A 301 11.53 -19.57 2.32
CA ILE A 301 11.02 -20.13 3.57
C ILE A 301 10.48 -21.53 3.29
N PRO A 302 11.06 -22.56 3.91
CA PRO A 302 10.61 -23.94 3.72
C PRO A 302 9.10 -24.04 3.92
N GLU A 303 8.44 -24.86 3.12
CA GLU A 303 7.00 -25.00 3.21
C GLU A 303 6.46 -25.21 4.64
N GLU A 304 7.20 -25.96 5.44
CA GLU A 304 6.76 -26.18 6.82
C GLU A 304 6.65 -24.85 7.55
N ASP A 305 7.76 -24.12 7.64
CA ASP A 305 7.78 -22.82 8.31
C ASP A 305 6.73 -21.87 7.73
N PHE A 306 6.63 -21.83 6.40
CA PHE A 306 5.65 -20.97 5.76
C PHE A 306 4.24 -21.37 6.23
N LYS A 307 4.04 -22.66 6.42
CA LYS A 307 2.76 -23.20 6.90
C LYS A 307 2.51 -22.65 8.30
N VAL A 308 3.56 -22.62 9.10
CA VAL A 308 3.48 -22.12 10.45
C VAL A 308 2.92 -20.71 10.46
N LEU A 309 3.68 -19.78 9.88
CA LEU A 309 3.28 -18.37 9.82
C LEU A 309 1.87 -18.15 9.30
N CYS A 310 1.45 -18.92 8.31
CA CYS A 310 0.10 -18.79 7.76
C CYS A 310 -0.97 -19.30 8.73
N SER A 311 -0.63 -20.29 9.54
CA SER A 311 -1.59 -20.87 10.47
C SER A 311 -1.74 -20.10 11.76
N ILE A 312 -1.30 -18.85 11.77
CA ILE A 312 -1.44 -18.00 12.95
C ILE A 312 -2.80 -17.34 12.81
N LYS A 313 -3.70 -17.63 13.74
CA LYS A 313 -5.06 -17.08 13.70
C LYS A 313 -5.10 -15.57 13.49
N ASP A 314 -5.97 -15.13 12.58
CA ASP A 314 -6.13 -13.72 12.26
C ASP A 314 -6.78 -12.95 13.41
N GLU A 315 -5.94 -12.31 14.22
CA GLU A 315 -6.40 -11.54 15.36
C GLU A 315 -5.44 -10.40 15.67
N LYS A 316 -4.61 -10.05 14.70
CA LYS A 316 -3.62 -9.00 14.87
C LYS A 316 -3.73 -7.86 13.86
N ARG A 317 -4.96 -7.41 13.61
CA ARG A 317 -5.17 -6.31 12.65
C ARG A 317 -4.87 -4.96 13.29
N VAL A 318 -3.79 -4.33 12.82
CA VAL A 318 -3.32 -3.06 13.35
C VAL A 318 -4.17 -1.83 12.98
N LEU A 319 -4.51 -1.68 11.69
CA LEU A 319 -5.30 -0.53 11.26
C LEU A 319 -6.78 -0.89 11.08
N THR A 320 -7.56 -0.65 12.13
CA THR A 320 -8.98 -0.94 12.11
C THR A 320 -9.78 0.14 11.38
N GLY A 321 -9.24 1.36 11.35
CA GLY A 321 -9.92 2.45 10.70
C GLY A 321 -10.81 3.19 11.68
N GLU A 322 -10.84 2.70 12.91
CA GLU A 322 -11.65 3.30 13.97
C GLU A 322 -11.14 4.70 14.34
N GLU A 323 -9.81 4.87 14.27
CA GLU A 323 -9.18 6.13 14.61
C GLU A 323 -9.74 7.36 13.91
N LEU A 324 -10.10 7.22 12.64
CA LEU A 324 -10.62 8.36 11.88
C LEU A 324 -11.97 8.16 11.18
N PHE A 325 -12.58 6.99 11.34
CA PHE A 325 -13.86 6.72 10.68
C PHE A 325 -14.97 6.25 11.61
N VAL A 326 -14.62 5.76 12.79
CA VAL A 326 -15.63 5.28 13.73
C VAL A 326 -16.18 6.33 14.69
N ASN A 327 -17.51 6.34 14.82
CA ASN A 327 -18.23 7.24 15.69
C ASN A 327 -19.36 6.41 16.28
N LYS A 328 -19.03 5.64 17.32
CA LYS A 328 -20.00 4.76 17.96
C LYS A 328 -21.17 5.48 18.63
N THR A 329 -22.05 6.04 17.81
CA THR A 329 -23.23 6.75 18.32
C THR A 329 -23.98 7.47 17.20
N HIS A 330 -23.28 8.29 16.44
CA HIS A 330 -23.89 9.03 15.35
C HIS A 330 -23.57 8.46 13.97
N GLY A 331 -22.51 7.64 13.91
CA GLY A 331 -22.13 7.04 12.65
C GLY A 331 -21.51 8.02 11.66
N PRO A 332 -21.68 7.80 10.35
CA PRO A 332 -22.43 6.69 9.76
C PRO A 332 -21.84 5.30 10.04
N TYR A 333 -20.62 5.27 10.58
CA TYR A 333 -19.96 4.02 10.92
C TYR A 333 -19.76 3.98 12.44
N ARG A 334 -20.67 3.27 13.12
CA ARG A 334 -20.64 3.16 14.57
C ARG A 334 -19.80 2.00 15.12
N SER A 335 -18.90 1.46 14.30
CA SER A 335 -18.05 0.36 14.73
C SER A 335 -17.01 0.05 13.67
N ALA A 336 -15.98 -0.72 14.03
CA ALA A 336 -14.93 -1.10 13.10
C ALA A 336 -15.49 -2.05 12.05
N ARG A 337 -16.44 -2.88 12.48
CA ARG A 337 -17.08 -3.86 11.60
C ARG A 337 -17.82 -3.20 10.46
N ASP A 338 -18.42 -2.04 10.73
CA ASP A 338 -19.15 -1.29 9.71
C ASP A 338 -18.13 -0.78 8.70
N VAL A 339 -16.95 -0.42 9.21
CA VAL A 339 -15.87 0.08 8.39
C VAL A 339 -15.43 -1.02 7.42
N TRP A 340 -15.56 -2.27 7.86
CA TRP A 340 -15.18 -3.41 7.04
C TRP A 340 -16.36 -4.26 6.59
N ASP A 341 -17.50 -3.61 6.42
CA ASP A 341 -18.74 -4.25 5.96
C ASP A 341 -19.09 -5.58 6.62
N HIS A 342 -18.73 -5.74 7.88
CA HIS A 342 -19.04 -6.96 8.61
C HIS A 342 -18.62 -8.22 7.86
N GLU A 343 -17.61 -8.09 7.02
CA GLU A 343 -17.12 -9.23 6.25
C GLU A 343 -15.68 -9.56 6.66
N ASN A 344 -15.46 -9.66 7.97
CA ASN A 344 -14.14 -9.97 8.53
C ASN A 344 -14.16 -11.33 9.22
#